data_2NY9
#
_entry.id   2NY9
#
_entity_poly.entity_id   1
_entity_poly.type   'polypeptide(L)'
_entity_poly.pdbx_seq_one_letter_code
;ATCDLASGFGVGSSLCAAHCLVKGYRGGYCKNKICHCRDKF
;
_entity_poly.pdbx_strand_id   X
#
# COMPACT_ATOMS: atom_id res chain seq x y z
N ALA A 1 10.66 -4.26 0.03
CA ALA A 1 9.66 -3.58 -0.84
C ALA A 1 8.25 -3.88 -0.36
N THR A 2 7.36 -2.90 -0.53
CA THR A 2 5.98 -3.05 -0.12
C THR A 2 5.25 -4.02 -1.04
N CYS A 3 5.49 -3.89 -2.33
CA CYS A 3 4.86 -4.73 -3.33
C CYS A 3 5.77 -5.87 -3.77
N ASP A 4 5.17 -7.02 -3.96
CA ASP A 4 5.87 -8.21 -4.40
C ASP A 4 4.89 -9.11 -5.15
N LEU A 5 4.96 -10.39 -4.90
CA LEU A 5 4.08 -11.37 -5.53
C LEU A 5 3.39 -12.19 -4.45
N ALA A 6 4.17 -12.64 -3.47
CA ALA A 6 3.64 -13.42 -2.37
C ALA A 6 3.04 -12.50 -1.31
N SER A 7 2.47 -11.40 -1.78
CA SER A 7 1.85 -10.41 -0.92
C SER A 7 0.42 -10.82 -0.54
N GLY A 8 0.30 -12.02 0.03
CA GLY A 8 -1.00 -12.52 0.42
C GLY A 8 -1.89 -12.76 -0.78
N PHE A 9 -1.32 -13.39 -1.80
CA PHE A 9 -2.03 -13.66 -3.05
C PHE A 9 -2.50 -12.36 -3.67
N GLY A 10 -1.58 -11.42 -3.78
CA GLY A 10 -1.89 -10.13 -4.34
C GLY A 10 -0.65 -9.42 -4.85
N VAL A 11 -0.47 -8.19 -4.41
CA VAL A 11 0.69 -7.41 -4.83
C VAL A 11 1.25 -6.60 -3.68
N GLY A 12 0.36 -6.12 -2.83
CA GLY A 12 0.78 -5.37 -1.66
C GLY A 12 -0.13 -4.21 -1.34
N SER A 13 -1.43 -4.37 -1.59
CA SER A 13 -2.38 -3.30 -1.30
C SER A 13 -2.72 -3.26 0.19
N SER A 14 -3.00 -4.42 0.77
CA SER A 14 -3.34 -4.51 2.18
C SER A 14 -2.21 -3.93 3.04
N LEU A 15 -0.97 -4.36 2.77
CA LEU A 15 0.16 -3.86 3.50
C LEU A 15 0.30 -2.36 3.29
N CYS A 16 0.26 -1.96 2.04
CA CYS A 16 0.37 -0.55 1.66
C CYS A 16 -0.63 0.31 2.45
N ALA A 17 -1.86 -0.18 2.58
CA ALA A 17 -2.88 0.54 3.31
C ALA A 17 -2.55 0.63 4.80
N ALA A 18 -2.40 -0.53 5.44
CA ALA A 18 -2.09 -0.60 6.86
C ALA A 18 -0.82 0.16 7.21
N HIS A 19 0.21 -0.08 6.43
CA HIS A 19 1.51 0.56 6.62
C HIS A 19 1.38 2.08 6.53
N CYS A 20 0.57 2.57 5.60
CA CYS A 20 0.40 4.01 5.44
C CYS A 20 -0.54 4.58 6.51
N LEU A 21 -1.38 3.73 7.10
CA LEU A 21 -2.28 4.17 8.16
C LEU A 21 -1.46 4.67 9.34
N VAL A 22 -0.31 4.03 9.53
CA VAL A 22 0.63 4.38 10.58
C VAL A 22 1.15 5.79 10.41
N LYS A 23 1.52 6.11 9.17
CA LYS A 23 2.06 7.42 8.84
C LYS A 23 1.00 8.50 8.98
N GLY A 24 -0.15 8.26 8.39
CA GLY A 24 -1.22 9.23 8.47
C GLY A 24 -2.10 9.25 7.24
N TYR A 25 -2.25 8.09 6.61
CA TYR A 25 -3.08 7.98 5.43
C TYR A 25 -4.34 7.20 5.76
N ARG A 26 -5.38 7.41 4.96
CA ARG A 26 -6.65 6.74 5.17
C ARG A 26 -6.86 5.70 4.09
N GLY A 27 -5.78 5.25 3.48
CA GLY A 27 -5.87 4.27 2.43
C GLY A 27 -4.53 4.01 1.78
N GLY A 28 -4.41 2.85 1.15
CA GLY A 28 -3.19 2.49 0.48
C GLY A 28 -3.43 1.36 -0.50
N TYR A 29 -2.90 1.51 -1.71
CA TYR A 29 -3.08 0.52 -2.75
C TYR A 29 -1.85 0.44 -3.64
N CYS A 30 -1.46 -0.77 -4.00
CA CYS A 30 -0.30 -0.96 -4.84
C CYS A 30 -0.69 -0.94 -6.31
N LYS A 31 -0.10 -0.02 -7.05
CA LYS A 31 -0.36 0.11 -8.47
C LYS A 31 0.97 0.26 -9.20
N ASN A 32 1.13 -0.48 -10.29
CA ASN A 32 2.36 -0.46 -11.07
C ASN A 32 3.52 -0.96 -10.21
N LYS A 33 3.22 -1.92 -9.34
CA LYS A 33 4.20 -2.52 -8.43
C LYS A 33 4.77 -1.49 -7.46
N ILE A 34 3.96 -0.47 -7.13
CA ILE A 34 4.38 0.57 -6.21
C ILE A 34 3.25 0.92 -5.24
N CYS A 35 3.58 0.99 -3.96
CA CYS A 35 2.60 1.32 -2.92
C CYS A 35 2.21 2.79 -3.02
N HIS A 36 0.97 3.02 -3.42
CA HIS A 36 0.45 4.37 -3.55
C HIS A 36 -0.63 4.59 -2.50
N CYS A 37 -0.34 5.46 -1.56
CA CYS A 37 -1.26 5.75 -0.48
C CYS A 37 -2.22 6.86 -0.85
N ARG A 38 -3.34 6.91 -0.15
CA ARG A 38 -4.34 7.93 -0.42
C ARG A 38 -4.91 8.50 0.86
N ASP A 39 -5.31 9.77 0.80
CA ASP A 39 -5.89 10.49 1.92
C ASP A 39 -4.90 10.70 3.04
N LYS A 40 -4.11 11.75 2.91
CA LYS A 40 -3.13 12.11 3.92
C LYS A 40 -3.68 13.25 4.75
N PHE A 41 -3.95 12.99 6.03
CA PHE A 41 -4.48 14.02 6.90
C PHE A 41 -3.35 14.78 7.58
N ALA A 1 8.15 -5.36 -0.22
CA ALA A 1 7.09 -6.02 0.58
C ALA A 1 5.73 -5.38 0.33
N THR A 2 5.72 -4.08 0.09
CA THR A 2 4.49 -3.33 -0.16
C THR A 2 3.74 -3.81 -1.40
N CYS A 3 4.47 -4.25 -2.40
CA CYS A 3 3.86 -4.72 -3.63
C CYS A 3 4.78 -5.70 -4.35
N ASP A 4 5.24 -6.71 -3.61
CA ASP A 4 6.14 -7.71 -4.17
C ASP A 4 5.40 -8.99 -4.49
N LEU A 5 4.18 -9.07 -4.01
CA LEU A 5 3.33 -10.24 -4.23
C LEU A 5 2.63 -10.10 -5.59
N ALA A 6 3.42 -9.95 -6.64
CA ALA A 6 2.90 -9.81 -7.99
C ALA A 6 1.91 -8.65 -8.06
N SER A 7 0.72 -8.92 -8.58
CA SER A 7 -0.33 -7.91 -8.70
C SER A 7 -1.62 -8.54 -9.23
N GLY A 8 -2.06 -9.62 -8.58
CA GLY A 8 -3.27 -10.29 -9.00
C GLY A 8 -4.23 -10.54 -7.86
N PHE A 9 -3.70 -11.05 -6.76
CA PHE A 9 -4.50 -11.34 -5.58
C PHE A 9 -4.40 -10.18 -4.58
N GLY A 10 -4.63 -8.98 -5.08
CA GLY A 10 -4.55 -7.80 -4.23
C GLY A 10 -3.13 -7.50 -3.77
N VAL A 11 -2.17 -8.20 -4.39
CA VAL A 11 -0.74 -8.07 -4.09
C VAL A 11 -0.47 -7.83 -2.58
N GLY A 12 -0.04 -6.62 -2.22
CA GLY A 12 0.21 -6.32 -0.83
C GLY A 12 -0.52 -5.08 -0.41
N SER A 13 -1.73 -4.90 -0.92
CA SER A 13 -2.54 -3.75 -0.60
C SER A 13 -2.90 -3.73 0.88
N SER A 14 -2.97 -4.91 1.49
CA SER A 14 -3.28 -5.01 2.91
C SER A 14 -2.19 -4.30 3.71
N LEU A 15 -0.94 -4.66 3.45
CA LEU A 15 0.19 -4.02 4.11
C LEU A 15 0.23 -2.56 3.71
N CYS A 16 0.06 -2.32 2.42
CA CYS A 16 0.06 -0.99 1.85
C CYS A 16 -0.91 -0.09 2.62
N ALA A 17 -2.12 -0.58 2.86
CA ALA A 17 -3.11 0.19 3.60
C ALA A 17 -2.67 0.43 5.03
N ALA A 18 -2.27 -0.65 5.71
CA ALA A 18 -1.81 -0.60 7.09
C ALA A 18 -0.66 0.38 7.25
N HIS A 19 0.35 0.17 6.43
CA HIS A 19 1.56 0.96 6.42
C HIS A 19 1.26 2.43 6.12
N CYS A 20 0.25 2.69 5.30
CA CYS A 20 -0.13 4.06 5.00
C CYS A 20 -0.90 4.65 6.18
N LEU A 21 -1.71 3.82 6.83
CA LEU A 21 -2.50 4.23 7.98
C LEU A 21 -1.60 4.73 9.12
N VAL A 22 -0.56 3.96 9.41
CA VAL A 22 0.37 4.33 10.47
C VAL A 22 1.10 5.62 10.13
N LYS A 23 1.41 5.80 8.85
CA LYS A 23 2.08 7.01 8.38
C LYS A 23 1.18 8.21 8.58
N GLY A 24 -0.05 8.10 8.12
CA GLY A 24 -1.00 9.19 8.26
C GLY A 24 -1.92 9.31 7.06
N TYR A 25 -2.30 8.18 6.51
CA TYR A 25 -3.19 8.15 5.34
C TYR A 25 -4.37 7.26 5.62
N ARG A 26 -5.47 7.49 4.91
CA ARG A 26 -6.68 6.69 5.07
C ARG A 26 -6.50 5.28 4.52
N GLY A 27 -5.65 5.15 3.52
CA GLY A 27 -5.41 3.84 2.94
C GLY A 27 -4.26 3.84 1.96
N GLY A 28 -4.18 2.81 1.13
CA GLY A 28 -3.13 2.70 0.16
C GLY A 28 -3.41 1.63 -0.86
N TYR A 29 -2.94 1.83 -2.08
CA TYR A 29 -3.15 0.88 -3.16
C TYR A 29 -1.92 0.84 -4.05
N CYS A 30 -1.56 -0.34 -4.53
CA CYS A 30 -0.41 -0.48 -5.39
C CYS A 30 -0.77 -0.15 -6.83
N LYS A 31 0.11 0.59 -7.48
CA LYS A 31 -0.07 0.97 -8.87
C LYS A 31 1.31 1.14 -9.48
N ASN A 32 1.53 0.51 -10.62
CA ASN A 32 2.83 0.55 -11.30
C ASN A 32 3.89 -0.09 -10.41
N LYS A 33 3.48 -1.16 -9.72
CA LYS A 33 4.36 -1.89 -8.81
C LYS A 33 4.86 -1.01 -7.67
N ILE A 34 4.04 -0.04 -7.28
CA ILE A 34 4.37 0.87 -6.20
C ILE A 34 3.16 1.13 -5.30
N CYS A 35 3.33 0.92 -4.01
CA CYS A 35 2.26 1.16 -3.04
C CYS A 35 2.06 2.66 -2.88
N HIS A 36 0.90 3.14 -3.28
CA HIS A 36 0.60 4.56 -3.19
C HIS A 36 -0.40 4.83 -2.09
N CYS A 37 -0.01 5.66 -1.13
CA CYS A 37 -0.88 6.01 -0.03
C CYS A 37 -1.94 7.00 -0.49
N ARG A 38 -3.17 6.81 -0.03
CA ARG A 38 -4.26 7.70 -0.43
C ARG A 38 -4.85 8.42 0.78
N ASP A 39 -5.21 9.69 0.57
CA ASP A 39 -5.80 10.54 1.60
C ASP A 39 -4.87 10.77 2.78
N LYS A 40 -3.99 11.76 2.64
CA LYS A 40 -3.06 12.12 3.69
C LYS A 40 -3.73 13.07 4.66
N PHE A 41 -3.59 12.80 5.95
CA PHE A 41 -4.18 13.65 6.97
C PHE A 41 -3.42 14.97 7.03
N ALA A 1 9.50 -5.10 1.40
CA ALA A 1 8.56 -4.23 0.68
C ALA A 1 7.14 -4.79 0.76
N THR A 2 6.20 -3.94 1.13
CA THR A 2 4.82 -4.35 1.26
C THR A 2 4.21 -4.73 -0.08
N CYS A 3 4.54 -3.96 -1.10
CA CYS A 3 4.04 -4.22 -2.43
C CYS A 3 5.09 -4.96 -3.25
N ASP A 4 4.66 -6.03 -3.89
CA ASP A 4 5.53 -6.86 -4.71
C ASP A 4 4.67 -7.75 -5.60
N LEU A 5 5.02 -9.03 -5.65
CA LEU A 5 4.28 -10.00 -6.42
C LEU A 5 4.01 -11.20 -5.52
N ALA A 6 4.95 -11.46 -4.62
CA ALA A 6 4.81 -12.56 -3.68
C ALA A 6 4.28 -12.02 -2.35
N SER A 7 3.47 -10.97 -2.42
CA SER A 7 2.90 -10.37 -1.23
C SER A 7 1.53 -10.99 -0.96
N GLY A 8 1.48 -11.92 -0.02
CA GLY A 8 0.23 -12.59 0.28
C GLY A 8 -0.21 -13.46 -0.88
N PHE A 9 -1.21 -13.00 -1.60
CA PHE A 9 -1.71 -13.72 -2.77
C PHE A 9 -1.71 -12.80 -3.98
N GLY A 10 -0.72 -11.90 -4.01
CA GLY A 10 -0.61 -10.97 -5.11
C GLY A 10 0.37 -9.86 -4.81
N VAL A 11 0.00 -8.65 -5.18
CA VAL A 11 0.85 -7.49 -4.94
C VAL A 11 0.89 -7.14 -3.47
N GLY A 12 -0.20 -7.43 -2.78
CA GLY A 12 -0.30 -7.13 -1.38
C GLY A 12 -0.72 -5.69 -1.16
N SER A 13 -1.67 -5.23 -1.96
CA SER A 13 -2.17 -3.87 -1.86
C SER A 13 -2.74 -3.61 -0.48
N SER A 14 -3.21 -4.67 0.15
CA SER A 14 -3.77 -4.58 1.49
C SER A 14 -2.71 -4.08 2.48
N LEU A 15 -1.47 -4.52 2.26
CA LEU A 15 -0.36 -4.10 3.10
C LEU A 15 -0.17 -2.59 3.04
N CYS A 16 -0.28 -2.04 1.84
CA CYS A 16 -0.10 -0.61 1.62
C CYS A 16 -1.05 0.22 2.49
N ALA A 17 -2.28 -0.24 2.67
CA ALA A 17 -3.25 0.48 3.49
C ALA A 17 -2.74 0.61 4.92
N ALA A 18 -2.41 -0.53 5.54
CA ALA A 18 -1.88 -0.53 6.90
C ALA A 18 -0.55 0.21 6.95
N HIS A 19 0.23 0.01 5.90
CA HIS A 19 1.54 0.61 5.75
C HIS A 19 1.45 2.14 5.85
N CYS A 20 0.47 2.72 5.18
CA CYS A 20 0.32 4.16 5.21
C CYS A 20 -0.51 4.66 6.38
N LEU A 21 -1.30 3.80 7.00
CA LEU A 21 -2.08 4.21 8.16
C LEU A 21 -1.14 4.72 9.25
N VAL A 22 0.01 4.08 9.31
CA VAL A 22 1.06 4.45 10.27
C VAL A 22 1.69 5.79 9.90
N LYS A 23 1.92 5.99 8.60
CA LYS A 23 2.52 7.21 8.09
C LYS A 23 1.60 8.41 8.26
N GLY A 24 0.35 8.26 7.88
CA GLY A 24 -0.60 9.34 7.99
C GLY A 24 -1.54 9.38 6.81
N TYR A 25 -2.01 8.21 6.40
CA TYR A 25 -2.93 8.09 5.27
C TYR A 25 -4.00 7.06 5.58
N ARG A 26 -5.25 7.45 5.38
CA ARG A 26 -6.39 6.57 5.62
C ARG A 26 -6.66 5.69 4.39
N GLY A 27 -5.61 5.23 3.76
CA GLY A 27 -5.77 4.40 2.58
C GLY A 27 -4.47 4.16 1.87
N GLY A 28 -4.34 3.01 1.25
CA GLY A 28 -3.13 2.68 0.52
C GLY A 28 -3.36 1.56 -0.46
N TYR A 29 -2.92 1.76 -1.69
CA TYR A 29 -3.08 0.77 -2.72
C TYR A 29 -1.77 0.54 -3.46
N CYS A 30 -1.40 -0.73 -3.60
CA CYS A 30 -0.17 -1.07 -4.28
C CYS A 30 -0.38 -1.04 -5.79
N LYS A 31 0.20 -0.03 -6.43
CA LYS A 31 0.08 0.12 -7.87
C LYS A 31 1.49 0.11 -8.46
N ASN A 32 1.68 -0.71 -9.48
CA ASN A 32 3.00 -0.85 -10.12
C ASN A 32 4.02 -1.33 -9.10
N LYS A 33 3.57 -2.20 -8.19
CA LYS A 33 4.40 -2.78 -7.14
C LYS A 33 4.95 -1.73 -6.16
N ILE A 34 4.20 -0.65 -5.96
CA ILE A 34 4.62 0.41 -5.03
C ILE A 34 3.42 0.87 -4.20
N CYS A 35 3.64 1.08 -2.90
CA CYS A 35 2.57 1.51 -2.01
C CYS A 35 2.17 2.95 -2.32
N HIS A 36 1.07 3.11 -3.04
CA HIS A 36 0.57 4.44 -3.37
C HIS A 36 -0.59 4.75 -2.46
N CYS A 37 -0.34 5.68 -1.55
CA CYS A 37 -1.31 6.04 -0.54
C CYS A 37 -2.34 7.06 -1.00
N ARG A 38 -3.42 7.13 -0.22
CA ARG A 38 -4.51 8.05 -0.49
C ARG A 38 -5.14 8.46 0.85
N ASP A 39 -5.78 9.64 0.85
CA ASP A 39 -6.44 10.18 2.04
C ASP A 39 -5.44 10.57 3.12
N LYS A 40 -4.92 11.78 3.00
CA LYS A 40 -3.96 12.30 3.96
C LYS A 40 -4.68 12.75 5.24
N PHE A 41 -4.03 12.59 6.39
CA PHE A 41 -4.61 12.98 7.66
C PHE A 41 -4.89 14.48 7.67
N ALA A 1 9.25 -6.37 2.33
CA ALA A 1 8.80 -5.46 1.27
C ALA A 1 7.28 -5.47 1.16
N THR A 2 6.70 -4.33 0.82
CA THR A 2 5.26 -4.21 0.69
C THR A 2 4.74 -4.80 -0.62
N CYS A 3 5.25 -4.29 -1.72
CA CYS A 3 4.81 -4.76 -3.03
C CYS A 3 5.99 -4.94 -3.98
N ASP A 4 6.98 -5.71 -3.53
CA ASP A 4 8.16 -5.98 -4.35
C ASP A 4 7.97 -7.28 -5.10
N LEU A 5 6.85 -7.92 -4.85
CA LEU A 5 6.50 -9.18 -5.49
C LEU A 5 5.70 -8.92 -6.75
N ALA A 6 6.05 -7.85 -7.46
CA ALA A 6 5.36 -7.46 -8.68
C ALA A 6 3.90 -7.19 -8.35
N SER A 7 2.99 -7.82 -9.08
CA SER A 7 1.58 -7.65 -8.85
C SER A 7 0.80 -8.70 -9.66
N GLY A 8 1.14 -9.96 -9.45
CA GLY A 8 0.47 -11.04 -10.15
C GLY A 8 -0.98 -11.14 -9.74
N PHE A 9 -1.21 -11.18 -8.44
CA PHE A 9 -2.56 -11.25 -7.90
C PHE A 9 -2.55 -10.99 -6.40
N GLY A 10 -3.25 -9.94 -6.00
CA GLY A 10 -3.34 -9.56 -4.59
C GLY A 10 -2.00 -9.31 -3.97
N VAL A 11 -1.30 -8.30 -4.50
CA VAL A 11 0.00 -7.93 -3.98
C VAL A 11 -0.16 -7.38 -2.55
N GLY A 12 0.87 -6.77 -1.99
CA GLY A 12 0.76 -6.22 -0.65
C GLY A 12 -0.07 -4.94 -0.62
N SER A 13 -1.23 -4.94 -1.25
CA SER A 13 -2.08 -3.76 -1.27
C SER A 13 -2.72 -3.55 0.10
N SER A 14 -3.18 -4.65 0.71
CA SER A 14 -3.77 -4.59 2.04
C SER A 14 -2.68 -4.14 3.01
N LEU A 15 -1.49 -4.69 2.81
CA LEU A 15 -0.34 -4.33 3.62
C LEU A 15 -0.04 -2.84 3.43
N CYS A 16 -0.10 -2.42 2.17
CA CYS A 16 0.13 -1.03 1.80
C CYS A 16 -0.84 -0.11 2.56
N ALA A 17 -2.08 -0.56 2.72
CA ALA A 17 -3.07 0.21 3.44
C ALA A 17 -2.57 0.48 4.85
N ALA A 18 -2.13 -0.57 5.52
CA ALA A 18 -1.58 -0.45 6.86
C ALA A 18 -0.32 0.39 6.84
N HIS A 19 0.51 0.13 5.82
CA HIS A 19 1.76 0.85 5.63
C HIS A 19 1.50 2.35 5.60
N CYS A 20 0.44 2.74 4.89
CA CYS A 20 0.06 4.14 4.79
C CYS A 20 -0.61 4.62 6.08
N LEU A 21 -1.38 3.74 6.72
CA LEU A 21 -2.05 4.07 7.97
C LEU A 21 -1.03 4.43 9.04
N VAL A 22 0.07 3.69 9.06
CA VAL A 22 1.15 3.93 10.00
C VAL A 22 1.75 5.33 9.79
N LYS A 23 1.90 5.69 8.53
CA LYS A 23 2.45 7.00 8.18
C LYS A 23 1.48 8.11 8.54
N GLY A 24 0.24 7.97 8.09
CA GLY A 24 -0.78 8.96 8.37
C GLY A 24 -1.67 9.22 7.18
N TYR A 25 -2.21 8.16 6.60
CA TYR A 25 -3.08 8.28 5.45
C TYR A 25 -4.38 7.50 5.65
N ARG A 26 -5.42 7.92 4.95
CA ARG A 26 -6.73 7.27 5.06
C ARG A 26 -6.69 5.84 4.56
N GLY A 27 -5.87 5.57 3.56
CA GLY A 27 -5.75 4.23 3.02
C GLY A 27 -4.52 4.07 2.17
N GLY A 28 -4.43 2.95 1.47
CA GLY A 28 -3.29 2.68 0.63
C GLY A 28 -3.56 1.59 -0.37
N TYR A 29 -2.97 1.71 -1.55
CA TYR A 29 -3.15 0.73 -2.61
C TYR A 29 -1.88 0.69 -3.46
N CYS A 30 -1.48 -0.51 -3.85
CA CYS A 30 -0.30 -0.66 -4.67
C CYS A 30 -0.61 -0.56 -6.16
N LYS A 31 0.30 0.07 -6.87
CA LYS A 31 0.20 0.26 -8.31
C LYS A 31 1.60 0.56 -8.81
N ASN A 32 1.99 -0.09 -9.90
CA ASN A 32 3.34 0.08 -10.45
C ASN A 32 4.37 -0.43 -9.45
N LYS A 33 3.97 -1.45 -8.69
CA LYS A 33 4.82 -2.06 -7.67
C LYS A 33 5.20 -1.05 -6.59
N ILE A 34 4.28 -0.15 -6.26
CA ILE A 34 4.54 0.88 -5.27
C ILE A 34 3.32 1.12 -4.39
N CYS A 35 3.55 1.20 -3.08
CA CYS A 35 2.49 1.47 -2.12
C CYS A 35 2.03 2.92 -2.29
N HIS A 36 0.81 3.13 -2.79
CA HIS A 36 0.30 4.47 -2.97
C HIS A 36 -0.72 4.79 -1.89
N CYS A 37 -0.43 5.81 -1.11
CA CYS A 37 -1.29 6.22 -0.02
C CYS A 37 -2.48 7.06 -0.49
N ARG A 38 -3.65 6.75 0.05
CA ARG A 38 -4.87 7.46 -0.30
C ARG A 38 -5.09 8.66 0.60
N ASP A 39 -5.34 9.81 -0.03
CA ASP A 39 -5.61 11.08 0.68
C ASP A 39 -4.56 11.37 1.76
N LYS A 40 -5.03 11.70 2.97
CA LYS A 40 -4.14 12.03 4.09
C LYS A 40 -4.98 12.19 5.34
N PHE A 41 -4.38 11.97 6.52
CA PHE A 41 -5.09 12.11 7.78
C PHE A 41 -5.62 13.53 7.93
N ALA A 1 9.89 -4.90 1.38
CA ALA A 1 9.06 -5.99 1.94
C ALA A 1 7.65 -5.94 1.34
N THR A 2 7.08 -4.75 1.29
CA THR A 2 5.76 -4.57 0.74
C THR A 2 5.83 -4.59 -0.79
N CYS A 3 4.90 -5.32 -1.41
CA CYS A 3 4.86 -5.46 -2.86
C CYS A 3 6.09 -6.25 -3.32
N ASP A 4 6.74 -5.78 -4.39
CA ASP A 4 7.96 -6.42 -4.93
C ASP A 4 7.73 -7.90 -5.21
N LEU A 5 6.49 -8.24 -5.55
CA LEU A 5 6.11 -9.62 -5.85
C LEU A 5 6.50 -10.54 -4.69
N ALA A 6 6.29 -10.04 -3.48
CA ALA A 6 6.62 -10.79 -2.28
C ALA A 6 5.67 -10.40 -1.15
N SER A 7 4.39 -10.34 -1.47
CA SER A 7 3.38 -9.97 -0.49
C SER A 7 2.07 -10.73 -0.75
N GLY A 8 2.18 -12.04 -0.90
CA GLY A 8 1.00 -12.86 -1.14
C GLY A 8 0.56 -12.80 -2.59
N PHE A 9 -0.75 -12.68 -2.80
CA PHE A 9 -1.29 -12.61 -4.15
C PHE A 9 -1.72 -11.19 -4.48
N GLY A 10 -1.21 -10.70 -5.60
CA GLY A 10 -1.53 -9.35 -6.04
C GLY A 10 -1.02 -8.30 -5.08
N VAL A 11 0.10 -8.59 -4.43
CA VAL A 11 0.73 -7.69 -3.47
C VAL A 11 -0.09 -7.55 -2.19
N GLY A 12 -1.40 -7.59 -2.31
CA GLY A 12 -2.24 -7.43 -1.16
C GLY A 12 -2.22 -6.00 -0.68
N SER A 13 -2.90 -5.14 -1.43
CA SER A 13 -2.94 -3.72 -1.13
C SER A 13 -3.40 -3.44 0.31
N SER A 14 -4.06 -4.42 0.94
CA SER A 14 -4.49 -4.26 2.33
C SER A 14 -3.27 -3.96 3.20
N LEU A 15 -2.17 -4.65 2.90
CA LEU A 15 -0.91 -4.45 3.60
C LEU A 15 -0.42 -3.03 3.34
N CYS A 16 -0.54 -2.61 2.08
CA CYS A 16 -0.13 -1.27 1.67
C CYS A 16 -0.97 -0.23 2.42
N ALA A 17 -2.25 -0.53 2.61
CA ALA A 17 -3.14 0.37 3.32
C ALA A 17 -2.62 0.59 4.74
N ALA A 18 -2.33 -0.51 5.43
CA ALA A 18 -1.80 -0.45 6.78
C ALA A 18 -0.47 0.29 6.77
N HIS A 19 0.31 0.03 5.73
CA HIS A 19 1.60 0.66 5.53
C HIS A 19 1.42 2.18 5.46
N CYS A 20 0.35 2.59 4.80
CA CYS A 20 0.01 4.00 4.65
C CYS A 20 -0.47 4.60 5.97
N LEU A 21 -1.22 3.82 6.74
CA LEU A 21 -1.71 4.29 8.04
C LEU A 21 -0.55 4.73 8.92
N VAL A 22 0.55 4.00 8.83
CA VAL A 22 1.74 4.31 9.60
C VAL A 22 2.25 5.72 9.25
N LYS A 23 2.25 6.02 7.96
CA LYS A 23 2.68 7.32 7.47
C LYS A 23 1.68 8.41 7.85
N GLY A 24 0.40 8.10 7.69
CA GLY A 24 -0.63 9.06 8.03
C GLY A 24 -1.71 9.16 6.97
N TYR A 25 -2.21 8.02 6.52
CA TYR A 25 -3.25 8.00 5.50
C TYR A 25 -4.41 7.10 5.92
N ARG A 26 -5.57 7.35 5.32
CA ARG A 26 -6.77 6.58 5.60
C ARG A 26 -6.71 5.24 4.88
N GLY A 27 -6.02 5.21 3.75
CA GLY A 27 -5.89 3.98 2.99
C GLY A 27 -4.70 4.02 2.05
N GLY A 28 -4.53 2.94 1.30
CA GLY A 28 -3.42 2.86 0.37
C GLY A 28 -3.57 1.69 -0.59
N TYR A 29 -2.85 1.75 -1.70
CA TYR A 29 -2.91 0.72 -2.72
C TYR A 29 -1.58 0.63 -3.45
N CYS A 30 -1.07 -0.58 -3.62
CA CYS A 30 0.20 -0.74 -4.31
C CYS A 30 -0.02 -0.72 -5.81
N LYS A 31 0.78 0.07 -6.50
CA LYS A 31 0.70 0.18 -7.94
C LYS A 31 2.06 0.60 -8.45
N ASN A 32 2.56 -0.10 -9.45
CA ASN A 32 3.87 0.17 -10.02
C ASN A 32 4.94 -0.05 -8.95
N LYS A 33 4.73 -1.11 -8.16
CA LYS A 33 5.64 -1.51 -7.07
C LYS A 33 5.58 -0.57 -5.86
N ILE A 34 5.13 0.65 -6.06
CA ILE A 34 5.06 1.63 -4.98
C ILE A 34 3.75 1.56 -4.20
N CYS A 35 3.87 1.59 -2.88
CA CYS A 35 2.71 1.58 -1.98
C CYS A 35 2.08 2.99 -2.00
N HIS A 36 1.26 3.25 -3.01
CA HIS A 36 0.63 4.56 -3.14
C HIS A 36 -0.45 4.74 -2.09
N CYS A 37 -0.34 5.81 -1.36
CA CYS A 37 -1.28 6.13 -0.32
C CYS A 37 -2.35 7.09 -0.81
N ARG A 38 -3.55 6.97 -0.24
CA ARG A 38 -4.66 7.81 -0.64
C ARG A 38 -5.35 8.41 0.59
N ASP A 39 -5.72 9.68 0.49
CA ASP A 39 -6.41 10.40 1.57
C ASP A 39 -5.59 10.42 2.86
N LYS A 40 -4.79 11.47 3.03
CA LYS A 40 -3.98 11.59 4.23
C LYS A 40 -4.69 12.47 5.26
N PHE A 41 -3.98 12.80 6.32
CA PHE A 41 -4.51 13.63 7.38
C PHE A 41 -3.36 14.15 8.24
N ALA A 1 8.05 -7.28 -1.71
CA ALA A 1 7.76 -5.97 -2.35
C ALA A 1 6.46 -5.39 -1.81
N THR A 2 6.46 -4.08 -1.58
CA THR A 2 5.28 -3.40 -1.08
C THR A 2 4.21 -3.33 -2.18
N CYS A 3 4.67 -3.33 -3.42
CA CYS A 3 3.78 -3.29 -4.57
C CYS A 3 4.46 -3.89 -5.79
N ASP A 4 3.72 -4.77 -6.45
CA ASP A 4 4.20 -5.46 -7.63
C ASP A 4 3.01 -6.02 -8.39
N LEU A 5 2.97 -5.76 -9.68
CA LEU A 5 1.90 -6.24 -10.54
C LEU A 5 1.96 -7.75 -10.68
N ALA A 6 3.19 -8.28 -10.62
CA ALA A 6 3.41 -9.72 -10.72
C ALA A 6 3.10 -10.38 -9.38
N SER A 7 1.90 -10.14 -8.88
CA SER A 7 1.47 -10.68 -7.60
C SER A 7 -0.05 -10.83 -7.57
N GLY A 8 -0.61 -11.27 -8.68
CA GLY A 8 -2.04 -11.45 -8.77
C GLY A 8 -2.79 -10.14 -8.68
N PHE A 9 -3.77 -10.08 -7.79
CA PHE A 9 -4.58 -8.88 -7.62
C PHE A 9 -3.84 -7.83 -6.81
N GLY A 10 -2.80 -8.26 -6.13
CA GLY A 10 -2.01 -7.36 -5.31
C GLY A 10 -1.05 -8.10 -4.41
N VAL A 11 0.19 -7.63 -4.37
CA VAL A 11 1.23 -8.24 -3.56
C VAL A 11 0.93 -8.07 -2.08
N GLY A 12 0.44 -6.89 -1.76
CA GLY A 12 0.12 -6.56 -0.39
C GLY A 12 -0.43 -5.16 -0.28
N SER A 13 -1.49 -4.89 -1.03
CA SER A 13 -2.13 -3.59 -1.01
C SER A 13 -2.70 -3.34 0.39
N SER A 14 -3.06 -4.42 1.06
CA SER A 14 -3.57 -4.34 2.42
C SER A 14 -2.47 -3.77 3.32
N LEU A 15 -1.26 -4.29 3.15
CA LEU A 15 -0.12 -3.81 3.91
C LEU A 15 0.14 -2.36 3.56
N CYS A 16 0.13 -2.08 2.26
CA CYS A 16 0.33 -0.73 1.74
C CYS A 16 -0.55 0.27 2.48
N ALA A 17 -1.82 -0.10 2.66
CA ALA A 17 -2.76 0.76 3.36
C ALA A 17 -2.46 0.80 4.87
N ALA A 18 -2.51 -0.36 5.51
CA ALA A 18 -2.27 -0.50 6.94
C ALA A 18 -1.00 0.21 7.39
N HIS A 19 0.08 -0.08 6.69
CA HIS A 19 1.38 0.49 6.96
C HIS A 19 1.35 2.01 6.82
N CYS A 20 0.63 2.50 5.82
CA CYS A 20 0.54 3.94 5.59
C CYS A 20 -0.40 4.61 6.59
N LEU A 21 -1.35 3.86 7.13
CA LEU A 21 -2.27 4.39 8.13
C LEU A 21 -1.48 4.91 9.32
N VAL A 22 -0.39 4.22 9.63
CA VAL A 22 0.49 4.59 10.73
C VAL A 22 1.08 5.98 10.50
N LYS A 23 1.53 6.21 9.28
CA LYS A 23 2.11 7.50 8.91
C LYS A 23 1.06 8.60 8.96
N GLY A 24 -0.05 8.37 8.28
CA GLY A 24 -1.11 9.34 8.27
C GLY A 24 -1.95 9.25 7.02
N TYR A 25 -2.16 8.04 6.53
CA TYR A 25 -2.96 7.83 5.33
C TYR A 25 -4.19 7.01 5.68
N ARG A 26 -5.25 7.16 4.90
CA ARG A 26 -6.48 6.44 5.16
C ARG A 26 -6.62 5.22 4.25
N GLY A 27 -5.65 5.01 3.39
CA GLY A 27 -5.69 3.87 2.49
C GLY A 27 -4.41 3.70 1.71
N GLY A 28 -4.42 2.74 0.80
CA GLY A 28 -3.24 2.47 -0.02
C GLY A 28 -3.54 1.40 -1.06
N TYR A 29 -2.97 1.53 -2.24
CA TYR A 29 -3.21 0.57 -3.30
C TYR A 29 -1.95 0.32 -4.14
N CYS A 30 -1.84 -0.88 -4.67
CA CYS A 30 -0.71 -1.26 -5.50
C CYS A 30 -0.98 -0.92 -6.96
N LYS A 31 -0.06 -0.18 -7.57
CA LYS A 31 -0.18 0.22 -8.97
C LYS A 31 1.17 0.70 -9.48
N ASN A 32 1.59 0.21 -10.65
CA ASN A 32 2.87 0.56 -11.26
C ASN A 32 4.05 0.23 -10.32
N LYS A 33 3.89 -0.87 -9.57
CA LYS A 33 4.90 -1.34 -8.64
C LYS A 33 5.26 -0.28 -7.59
N ILE A 34 4.26 0.46 -7.15
CA ILE A 34 4.46 1.49 -6.14
C ILE A 34 3.28 1.56 -5.19
N CYS A 35 3.54 1.42 -3.90
CA CYS A 35 2.50 1.50 -2.89
C CYS A 35 1.95 2.94 -2.84
N HIS A 36 0.82 3.15 -3.48
CA HIS A 36 0.22 4.47 -3.51
C HIS A 36 -0.77 4.63 -2.37
N CYS A 37 -0.35 5.34 -1.35
CA CYS A 37 -1.18 5.57 -0.19
C CYS A 37 -2.24 6.63 -0.48
N ARG A 38 -3.41 6.46 0.10
CA ARG A 38 -4.51 7.38 -0.13
C ARG A 38 -4.85 8.21 1.11
N ASP A 39 -5.19 9.47 0.86
CA ASP A 39 -5.60 10.44 1.88
C ASP A 39 -4.58 10.64 2.99
N LYS A 40 -3.71 11.62 2.81
CA LYS A 40 -2.71 11.95 3.80
C LYS A 40 -3.22 13.11 4.67
N PHE A 41 -3.21 12.91 5.98
CA PHE A 41 -3.67 13.93 6.89
C PHE A 41 -2.52 14.43 7.76
N ALA A 1 9.74 -4.23 -2.68
CA ALA A 1 9.28 -3.28 -1.64
C ALA A 1 7.87 -3.61 -1.18
N THR A 2 6.93 -2.70 -1.39
CA THR A 2 5.56 -2.91 -0.98
C THR A 2 4.75 -3.66 -2.04
N CYS A 3 5.15 -3.57 -3.29
CA CYS A 3 4.40 -4.24 -4.35
C CYS A 3 5.25 -4.47 -5.60
N ASP A 4 6.50 -4.86 -5.43
CA ASP A 4 7.39 -5.13 -6.57
C ASP A 4 7.17 -6.53 -7.14
N LEU A 5 5.90 -6.87 -7.33
CA LEU A 5 5.48 -8.17 -7.89
C LEU A 5 5.71 -9.30 -6.87
N ALA A 6 6.83 -9.25 -6.17
CA ALA A 6 7.16 -10.26 -5.16
C ALA A 6 6.18 -10.18 -3.98
N SER A 7 5.34 -9.18 -4.05
CA SER A 7 4.31 -8.93 -3.04
C SER A 7 3.21 -9.98 -3.12
N GLY A 8 3.15 -10.67 -4.26
CA GLY A 8 2.14 -11.69 -4.46
C GLY A 8 0.80 -11.07 -4.78
N PHE A 9 -0.20 -11.45 -4.03
CA PHE A 9 -1.54 -10.92 -4.23
C PHE A 9 -2.12 -10.40 -2.92
N GLY A 10 -1.31 -9.67 -2.17
CA GLY A 10 -1.77 -9.13 -0.91
C GLY A 10 -0.91 -8.00 -0.38
N VAL A 11 0.40 -8.21 -0.31
CA VAL A 11 1.34 -7.20 0.21
C VAL A 11 1.13 -5.83 -0.42
N GLY A 12 0.90 -5.82 -1.73
CA GLY A 12 0.70 -4.58 -2.46
C GLY A 12 -0.34 -3.66 -1.85
N SER A 13 -1.44 -4.23 -1.38
CA SER A 13 -2.50 -3.46 -0.79
C SER A 13 -2.53 -3.61 0.74
N SER A 14 -2.19 -4.78 1.22
CA SER A 14 -2.18 -5.04 2.67
C SER A 14 -1.13 -4.17 3.35
N LEU A 15 0.11 -4.21 2.83
CA LEU A 15 1.18 -3.39 3.35
C LEU A 15 1.07 -1.99 2.77
N CYS A 16 -0.15 -1.55 2.60
CA CYS A 16 -0.45 -0.26 2.06
C CYS A 16 -1.65 0.31 2.79
N ALA A 17 -2.69 -0.51 2.93
CA ALA A 17 -3.88 -0.08 3.64
C ALA A 17 -3.57 0.23 5.09
N ALA A 18 -2.91 -0.72 5.75
CA ALA A 18 -2.52 -0.57 7.15
C ALA A 18 -1.25 0.25 7.28
N HIS A 19 -0.27 -0.12 6.48
CA HIS A 19 1.04 0.53 6.48
C HIS A 19 0.92 2.04 6.28
N CYS A 20 0.05 2.48 5.37
CA CYS A 20 -0.12 3.91 5.14
C CYS A 20 -0.82 4.58 6.31
N LEU A 21 -1.67 3.82 7.02
CA LEU A 21 -2.37 4.34 8.19
C LEU A 21 -1.37 4.86 9.21
N VAL A 22 -0.30 4.08 9.38
CA VAL A 22 0.78 4.42 10.29
C VAL A 22 1.36 5.78 9.96
N LYS A 23 1.59 6.00 8.67
CA LYS A 23 2.15 7.25 8.19
C LYS A 23 1.18 8.40 8.36
N GLY A 24 -0.09 8.15 8.06
CA GLY A 24 -1.10 9.17 8.18
C GLY A 24 -1.99 9.26 6.96
N TYR A 25 -2.41 8.11 6.47
CA TYR A 25 -3.27 8.04 5.29
C TYR A 25 -4.45 7.12 5.58
N ARG A 26 -5.58 7.40 4.94
CA ARG A 26 -6.78 6.59 5.13
C ARG A 26 -6.57 5.18 4.56
N GLY A 27 -5.76 5.07 3.52
CA GLY A 27 -5.51 3.79 2.93
C GLY A 27 -4.33 3.82 1.98
N GLY A 28 -4.30 2.86 1.06
CA GLY A 28 -3.24 2.79 0.09
C GLY A 28 -3.55 1.78 -0.99
N TYR A 29 -2.99 1.96 -2.17
CA TYR A 29 -3.25 1.07 -3.28
C TYR A 29 -2.00 0.86 -4.13
N CYS A 30 -1.81 -0.37 -4.58
CA CYS A 30 -0.66 -0.69 -5.41
C CYS A 30 -0.91 -0.26 -6.86
N LYS A 31 0.03 0.50 -7.40
CA LYS A 31 -0.05 0.98 -8.77
C LYS A 31 1.36 1.13 -9.29
N ASN A 32 1.62 0.58 -10.48
CA ASN A 32 2.96 0.60 -11.08
C ASN A 32 3.91 -0.21 -10.22
N LYS A 33 3.37 -1.26 -9.59
CA LYS A 33 4.12 -2.14 -8.71
C LYS A 33 4.70 -1.36 -7.53
N ILE A 34 3.91 -0.44 -7.00
CA ILE A 34 4.30 0.38 -5.88
C ILE A 34 3.10 0.72 -5.02
N CYS A 35 3.21 0.52 -3.71
CA CYS A 35 2.13 0.87 -2.80
C CYS A 35 2.02 2.39 -2.76
N HIS A 36 0.86 2.91 -3.10
CA HIS A 36 0.66 4.35 -3.09
C HIS A 36 -0.36 4.73 -2.03
N CYS A 37 0.11 5.44 -1.01
CA CYS A 37 -0.74 5.88 0.08
C CYS A 37 -1.75 6.91 -0.40
N ARG A 38 -2.97 6.81 0.11
CA ARG A 38 -4.03 7.73 -0.29
C ARG A 38 -4.65 8.42 0.93
N ASP A 39 -5.07 9.67 0.73
CA ASP A 39 -5.71 10.47 1.77
C ASP A 39 -4.76 10.80 2.91
N LYS A 40 -3.85 11.73 2.65
CA LYS A 40 -2.87 12.16 3.63
C LYS A 40 -3.47 13.20 4.56
N PHE A 41 -3.42 12.92 5.86
CA PHE A 41 -3.94 13.84 6.86
C PHE A 41 -2.85 14.81 7.29
N ALA A 1 9.12 -0.52 2.32
CA ALA A 1 8.87 -1.79 1.61
C ALA A 1 7.41 -2.20 1.77
N THR A 2 6.78 -2.56 0.67
CA THR A 2 5.38 -2.98 0.69
C THR A 2 5.09 -3.89 -0.50
N CYS A 3 5.63 -3.53 -1.64
CA CYS A 3 5.45 -4.31 -2.85
C CYS A 3 6.81 -4.58 -3.47
N ASP A 4 7.76 -4.97 -2.62
CA ASP A 4 9.13 -5.23 -3.06
C ASP A 4 9.20 -6.56 -3.82
N LEU A 5 8.13 -7.30 -3.72
CA LEU A 5 8.01 -8.58 -4.39
C LEU A 5 6.61 -8.72 -4.95
N ALA A 6 5.63 -8.93 -4.07
CA ALA A 6 4.23 -9.06 -4.43
C ALA A 6 3.40 -9.51 -3.23
N SER A 7 3.77 -9.03 -2.05
CA SER A 7 3.07 -9.38 -0.81
C SER A 7 3.06 -10.92 -0.65
N GLY A 8 2.04 -11.44 0.02
CA GLY A 8 1.94 -12.87 0.19
C GLY A 8 1.42 -13.50 -1.09
N PHE A 9 0.37 -12.89 -1.63
CA PHE A 9 -0.24 -13.31 -2.88
C PHE A 9 -1.30 -12.29 -3.29
N GLY A 10 -0.93 -11.02 -3.18
CA GLY A 10 -1.85 -9.96 -3.54
C GLY A 10 -1.16 -8.64 -3.78
N VAL A 11 0.04 -8.70 -4.37
CA VAL A 11 0.82 -7.52 -4.72
C VAL A 11 1.35 -6.74 -3.50
N GLY A 12 0.46 -6.43 -2.58
CA GLY A 12 0.83 -5.70 -1.39
C GLY A 12 -0.10 -4.54 -1.12
N SER A 13 -1.32 -4.66 -1.62
CA SER A 13 -2.33 -3.62 -1.43
C SER A 13 -2.79 -3.54 0.01
N SER A 14 -2.96 -4.70 0.64
CA SER A 14 -3.41 -4.75 2.03
C SER A 14 -2.36 -4.14 2.94
N LEU A 15 -1.11 -4.57 2.78
CA LEU A 15 -0.03 -4.03 3.58
C LEU A 15 0.08 -2.54 3.34
N CYS A 16 -0.01 -2.15 2.08
CA CYS A 16 0.06 -0.75 1.67
C CYS A 16 -0.90 0.10 2.48
N ALA A 17 -2.13 -0.39 2.67
CA ALA A 17 -3.12 0.33 3.45
C ALA A 17 -2.67 0.48 4.90
N ALA A 18 -2.33 -0.64 5.51
CA ALA A 18 -1.87 -0.67 6.90
C ALA A 18 -0.65 0.23 7.09
N HIS A 19 0.29 0.05 6.18
CA HIS A 19 1.54 0.78 6.16
C HIS A 19 1.29 2.29 6.03
N CYS A 20 0.36 2.68 5.17
CA CYS A 20 0.03 4.08 4.98
C CYS A 20 -0.68 4.64 6.22
N LEU A 21 -1.45 3.78 6.89
CA LEU A 21 -2.16 4.18 8.10
C LEU A 21 -1.17 4.64 9.16
N VAL A 22 -0.02 3.98 9.18
CA VAL A 22 1.05 4.29 10.12
C VAL A 22 1.51 5.74 9.93
N LYS A 23 1.68 6.12 8.68
CA LYS A 23 2.12 7.48 8.33
C LYS A 23 1.02 8.49 8.63
N GLY A 24 -0.21 8.15 8.27
CA GLY A 24 -1.32 9.03 8.53
C GLY A 24 -2.22 9.20 7.32
N TYR A 25 -2.40 8.13 6.58
CA TYR A 25 -3.26 8.17 5.39
C TYR A 25 -4.49 7.31 5.62
N ARG A 26 -5.56 7.61 4.87
CA ARG A 26 -6.81 6.86 4.98
C ARG A 26 -6.59 5.41 4.57
N GLY A 27 -5.73 5.22 3.60
CA GLY A 27 -5.42 3.89 3.13
C GLY A 27 -4.27 3.91 2.15
N GLY A 28 -4.13 2.84 1.41
CA GLY A 28 -3.07 2.75 0.43
C GLY A 28 -3.34 1.66 -0.58
N TYR A 29 -3.05 1.95 -1.83
CA TYR A 29 -3.25 0.99 -2.89
C TYR A 29 -1.96 0.79 -3.66
N CYS A 30 -1.59 -0.46 -3.88
CA CYS A 30 -0.37 -0.74 -4.60
C CYS A 30 -0.68 -0.79 -6.09
N LYS A 31 0.05 0.00 -6.87
CA LYS A 31 -0.15 0.05 -8.30
C LYS A 31 1.20 0.05 -9.00
N ASN A 32 1.35 -0.83 -9.99
CA ASN A 32 2.60 -0.96 -10.72
C ASN A 32 3.73 -1.34 -9.78
N LYS A 33 3.41 -2.25 -8.86
CA LYS A 33 4.37 -2.74 -7.87
C LYS A 33 4.87 -1.63 -6.95
N ILE A 34 4.05 -0.61 -6.74
CA ILE A 34 4.42 0.49 -5.87
C ILE A 34 3.26 0.87 -4.97
N CYS A 35 3.50 0.91 -3.67
CA CYS A 35 2.49 1.27 -2.69
C CYS A 35 2.17 2.76 -2.80
N HIS A 36 0.90 3.10 -2.95
CA HIS A 36 0.49 4.49 -3.06
C HIS A 36 -0.51 4.83 -1.97
N CYS A 37 -0.09 5.69 -1.06
CA CYS A 37 -0.94 6.12 0.04
C CYS A 37 -2.02 7.06 -0.48
N ARG A 38 -3.26 6.82 -0.05
CA ARG A 38 -4.36 7.65 -0.50
C ARG A 38 -4.96 8.46 0.66
N ASP A 39 -5.08 9.77 0.42
CA ASP A 39 -5.65 10.73 1.36
C ASP A 39 -4.89 10.81 2.68
N LYS A 40 -4.39 11.99 2.95
CA LYS A 40 -3.66 12.26 4.19
C LYS A 40 -4.59 12.90 5.20
N PHE A 41 -4.61 12.37 6.42
CA PHE A 41 -5.47 12.93 7.46
C PHE A 41 -4.61 13.56 8.54
N ALA A 1 8.32 -7.41 1.74
CA ALA A 1 8.07 -6.80 0.42
C ALA A 1 6.80 -5.97 0.47
N THR A 2 6.88 -4.74 -0.03
CA THR A 2 5.72 -3.85 -0.03
C THR A 2 4.68 -4.30 -1.06
N CYS A 3 5.12 -4.51 -2.27
CA CYS A 3 4.24 -4.96 -3.34
C CYS A 3 5.02 -5.70 -4.42
N ASP A 4 6.10 -6.35 -4.00
CA ASP A 4 6.94 -7.11 -4.90
C ASP A 4 6.38 -8.51 -5.07
N LEU A 5 5.08 -8.56 -5.35
CA LEU A 5 4.32 -9.80 -5.54
C LEU A 5 4.11 -10.54 -4.21
N ALA A 6 5.17 -10.69 -3.44
CA ALA A 6 5.14 -11.38 -2.15
C ALA A 6 4.33 -10.59 -1.12
N SER A 7 3.03 -10.57 -1.30
CA SER A 7 2.14 -9.86 -0.39
C SER A 7 0.83 -10.63 -0.19
N GLY A 8 0.35 -11.27 -1.26
CA GLY A 8 -0.87 -12.05 -1.16
C GLY A 8 -1.86 -11.74 -2.26
N PHE A 9 -3.11 -12.13 -2.07
CA PHE A 9 -4.18 -11.88 -3.05
C PHE A 9 -4.73 -10.47 -2.88
N GLY A 10 -3.79 -9.54 -2.84
CA GLY A 10 -4.08 -8.14 -2.66
C GLY A 10 -2.77 -7.45 -2.42
N VAL A 11 -1.78 -7.91 -3.17
CA VAL A 11 -0.41 -7.43 -3.07
C VAL A 11 -0.30 -5.93 -3.06
N GLY A 12 0.51 -5.47 -2.13
CA GLY A 12 0.77 -4.05 -1.96
C GLY A 12 -0.41 -3.29 -1.37
N SER A 13 -1.58 -3.45 -1.96
CA SER A 13 -2.78 -2.76 -1.51
C SER A 13 -3.03 -2.95 -0.01
N SER A 14 -3.02 -4.19 0.44
CA SER A 14 -3.27 -4.49 1.86
C SER A 14 -2.21 -3.85 2.76
N LEU A 15 -0.95 -4.15 2.49
CA LEU A 15 0.15 -3.62 3.29
C LEU A 15 0.20 -2.10 3.24
N CYS A 16 0.18 -1.55 2.03
CA CYS A 16 0.25 -0.11 1.81
C CYS A 16 -0.82 0.60 2.62
N ALA A 17 -2.02 0.02 2.69
CA ALA A 17 -3.12 0.61 3.45
C ALA A 17 -2.80 0.63 4.94
N ALA A 18 -2.40 -0.53 5.46
CA ALA A 18 -2.07 -0.68 6.87
C ALA A 18 -0.88 0.18 7.26
N HIS A 19 0.16 0.04 6.48
CA HIS A 19 1.42 0.74 6.70
C HIS A 19 1.24 2.27 6.63
N CYS A 20 0.51 2.76 5.64
CA CYS A 20 0.31 4.21 5.51
C CYS A 20 -0.63 4.73 6.58
N LEU A 21 -1.45 3.85 7.14
CA LEU A 21 -2.36 4.23 8.20
C LEU A 21 -1.56 4.74 9.39
N VAL A 22 -0.42 4.10 9.59
CA VAL A 22 0.50 4.47 10.67
C VAL A 22 1.09 5.85 10.41
N LYS A 23 1.48 6.06 9.16
CA LYS A 23 2.08 7.32 8.72
C LYS A 23 1.11 8.49 8.90
N GLY A 24 -0.13 8.30 8.48
CA GLY A 24 -1.11 9.35 8.61
C GLY A 24 -2.16 9.29 7.54
N TYR A 25 -2.01 8.35 6.62
CA TYR A 25 -2.97 8.18 5.55
C TYR A 25 -4.08 7.25 5.99
N ARG A 26 -5.23 7.33 5.34
CA ARG A 26 -6.35 6.47 5.67
C ARG A 26 -6.05 5.05 5.22
N GLY A 27 -5.16 4.96 4.23
CA GLY A 27 -4.78 3.68 3.69
C GLY A 27 -3.91 3.85 2.47
N GLY A 28 -4.12 3.00 1.48
CA GLY A 28 -3.36 3.08 0.26
C GLY A 28 -3.72 1.97 -0.71
N TYR A 29 -2.81 1.65 -1.60
CA TYR A 29 -3.03 0.61 -2.60
C TYR A 29 -1.73 0.32 -3.34
N CYS A 30 -1.80 -0.46 -4.39
CA CYS A 30 -0.61 -0.76 -5.18
C CYS A 30 -0.89 -0.52 -6.66
N LYS A 31 0.08 0.07 -7.34
CA LYS A 31 -0.05 0.37 -8.74
C LYS A 31 1.29 0.11 -9.43
N ASN A 32 1.29 -0.76 -10.43
CA ASN A 32 2.51 -1.14 -11.14
C ASN A 32 3.47 -1.83 -10.18
N LYS A 33 2.89 -2.62 -9.28
CA LYS A 33 3.66 -3.35 -8.27
C LYS A 33 4.45 -2.40 -7.37
N ILE A 34 3.83 -1.27 -7.06
CA ILE A 34 4.41 -0.25 -6.19
C ILE A 34 3.32 0.34 -5.32
N CYS A 35 3.51 0.26 -4.01
CA CYS A 35 2.53 0.80 -3.06
C CYS A 35 2.42 2.32 -3.17
N HIS A 36 1.18 2.78 -3.25
CA HIS A 36 0.89 4.20 -3.34
C HIS A 36 -0.27 4.51 -2.41
N CYS A 37 -0.05 5.42 -1.50
CA CYS A 37 -1.06 5.79 -0.51
C CYS A 37 -2.06 6.79 -1.07
N ARG A 38 -3.17 6.94 -0.37
CA ARG A 38 -4.21 7.87 -0.79
C ARG A 38 -4.98 8.38 0.42
N ASP A 39 -5.45 9.61 0.31
CA ASP A 39 -6.22 10.28 1.36
C ASP A 39 -5.43 10.41 2.65
N LYS A 40 -4.67 11.48 2.73
CA LYS A 40 -3.86 11.78 3.90
C LYS A 40 -4.69 12.61 4.89
N PHE A 41 -4.69 12.21 6.15
CA PHE A 41 -5.42 12.93 7.18
C PHE A 41 -4.90 14.35 7.29
N ALA A 1 10.61 -2.03 -0.27
CA ALA A 1 9.65 -1.65 0.78
C ALA A 1 8.36 -2.46 0.65
N THR A 2 7.22 -1.77 0.71
CA THR A 2 5.91 -2.41 0.61
C THR A 2 5.74 -3.12 -0.74
N CYS A 3 5.98 -2.39 -1.81
CA CYS A 3 5.85 -2.93 -3.15
C CYS A 3 6.56 -2.08 -4.17
N ASP A 4 7.00 -2.75 -5.23
CA ASP A 4 7.71 -2.12 -6.31
C ASP A 4 7.84 -3.15 -7.43
N LEU A 5 8.89 -3.08 -8.19
CA LEU A 5 9.11 -4.02 -9.27
C LEU A 5 9.61 -5.35 -8.73
N ALA A 6 10.18 -5.32 -7.52
CA ALA A 6 10.68 -6.52 -6.87
C ALA A 6 9.53 -7.45 -6.55
N SER A 7 8.36 -6.84 -6.45
CA SER A 7 7.13 -7.55 -6.16
C SER A 7 6.64 -8.26 -7.43
N GLY A 8 6.08 -9.46 -7.27
CA GLY A 8 5.57 -10.20 -8.41
C GLY A 8 4.44 -9.46 -9.09
N PHE A 9 3.49 -9.01 -8.28
CA PHE A 9 2.34 -8.26 -8.77
C PHE A 9 2.06 -7.14 -7.77
N GLY A 10 0.80 -6.98 -7.39
CA GLY A 10 0.42 -5.94 -6.44
C GLY A 10 0.85 -6.28 -5.02
N VAL A 11 1.36 -7.51 -4.84
CA VAL A 11 1.83 -8.03 -3.56
C VAL A 11 0.93 -7.60 -2.38
N GLY A 12 1.52 -7.13 -1.28
CA GLY A 12 0.75 -6.71 -0.13
C GLY A 12 0.08 -5.37 -0.33
N SER A 13 -0.90 -5.31 -1.23
CA SER A 13 -1.63 -4.09 -1.49
C SER A 13 -2.34 -3.63 -0.22
N SER A 14 -2.85 -4.60 0.53
CA SER A 14 -3.52 -4.32 1.80
C SER A 14 -2.53 -3.77 2.81
N LEU A 15 -1.30 -4.25 2.74
CA LEU A 15 -0.24 -3.80 3.62
C LEU A 15 0.03 -2.33 3.38
N CYS A 16 0.07 -1.95 2.10
CA CYS A 16 0.30 -0.57 1.70
C CYS A 16 -0.64 0.38 2.45
N ALA A 17 -1.92 -0.02 2.55
CA ALA A 17 -2.91 0.77 3.27
C ALA A 17 -2.59 0.81 4.76
N ALA A 18 -2.48 -0.37 5.36
CA ALA A 18 -2.19 -0.52 6.78
C ALA A 18 -0.95 0.25 7.19
N HIS A 19 0.11 0.01 6.46
CA HIS A 19 1.39 0.63 6.68
C HIS A 19 1.28 2.15 6.64
N CYS A 20 0.55 2.67 5.67
CA CYS A 20 0.38 4.12 5.54
C CYS A 20 -0.59 4.67 6.58
N LEU A 21 -1.46 3.82 7.11
CA LEU A 21 -2.40 4.24 8.14
C LEU A 21 -1.61 4.76 9.34
N VAL A 22 -0.53 4.05 9.62
CA VAL A 22 0.37 4.39 10.72
C VAL A 22 1.03 5.74 10.46
N LYS A 23 1.47 5.93 9.23
CA LYS A 23 2.12 7.17 8.81
C LYS A 23 1.18 8.36 8.93
N GLY A 24 0.01 8.24 8.33
CA GLY A 24 -0.97 9.30 8.37
C GLY A 24 -1.81 9.35 7.12
N TYR A 25 -2.25 8.18 6.68
CA TYR A 25 -3.07 8.07 5.47
C TYR A 25 -4.35 7.32 5.79
N ARG A 26 -5.38 7.53 4.98
CA ARG A 26 -6.66 6.88 5.19
C ARG A 26 -6.69 5.52 4.52
N GLY A 27 -5.78 5.29 3.59
CA GLY A 27 -5.72 4.03 2.90
C GLY A 27 -4.44 3.87 2.10
N GLY A 28 -4.46 2.98 1.14
CA GLY A 28 -3.29 2.75 0.32
C GLY A 28 -3.40 1.47 -0.48
N TYR A 29 -2.79 1.42 -1.64
CA TYR A 29 -2.85 0.25 -2.49
C TYR A 29 -1.72 0.27 -3.51
N CYS A 30 -1.13 -0.88 -3.76
CA CYS A 30 -0.06 -0.96 -4.73
C CYS A 30 -0.63 -0.88 -6.14
N LYS A 31 -0.23 0.16 -6.86
CA LYS A 31 -0.68 0.37 -8.22
C LYS A 31 0.56 0.64 -9.03
N ASN A 32 0.64 0.06 -10.23
CA ASN A 32 1.82 0.17 -11.08
C ASN A 32 3.07 -0.19 -10.26
N LYS A 33 2.89 -1.22 -9.41
CA LYS A 33 3.94 -1.76 -8.54
C LYS A 33 4.21 -0.87 -7.32
N ILE A 34 3.97 0.42 -7.43
CA ILE A 34 4.23 1.34 -6.33
C ILE A 34 3.09 1.42 -5.33
N CYS A 35 3.46 1.40 -4.04
CA CYS A 35 2.49 1.51 -2.96
C CYS A 35 1.93 2.93 -2.94
N HIS A 36 0.74 3.10 -3.50
CA HIS A 36 0.11 4.40 -3.55
C HIS A 36 -0.86 4.55 -2.40
N CYS A 37 -0.47 5.33 -1.42
CA CYS A 37 -1.27 5.56 -0.23
C CYS A 37 -2.43 6.50 -0.55
N ARG A 38 -3.57 6.25 0.09
CA ARG A 38 -4.77 7.04 -0.14
C ARG A 38 -5.00 8.09 0.94
N ASP A 39 -5.03 9.34 0.51
CA ASP A 39 -5.27 10.51 1.37
C ASP A 39 -4.26 10.66 2.49
N LYS A 40 -3.67 11.83 2.55
CA LYS A 40 -2.68 12.14 3.59
C LYS A 40 -3.17 13.30 4.42
N PHE A 41 -4.46 13.31 4.66
CA PHE A 41 -5.12 14.34 5.45
C PHE A 41 -4.97 15.72 4.81
#